data_3TZF
#
_entry.id   3TZF
#
_cell.length_a   70.245
_cell.length_b   50.582
_cell.length_c   74.988
_cell.angle_alpha   90.000
_cell.angle_beta   90.800
_cell.angle_gamma   90.000
#
_symmetry.space_group_name_H-M   'P 1 21 1'
#
loop_
_entity.id
_entity.type
_entity.pdbx_description
1 polymer '7,8-dihydropteroate synthase'
2 non-polymer 6-HYDROXYMETHYLPTERIN-DIPHOSPHATE
3 non-polymer 'MAGNESIUM ION'
4 non-polymer Sulfamethoxazole
5 water water
#
_entity_poly.entity_id   1
_entity_poly.type   'polypeptide(L)'
_entity_poly.pdbx_seq_one_letter_code
;GSHMHLTARGLTLDLSRPQVMGILNVTPDSFSDGGCHNNLDQALQHAQRMLSAGATLIDIGGESTRPGAAEVSEQEELDR
VVPVVEALAQRFDVWLSVDTSKAAVITESAHAGAHLINDIRSLQEPGALEAAAKTGLPVCLMHMQGQPKNMQHSPYYDDL
MTDINRFFQHHIERCVAAGIAKNKLLLDPGFGFGKNLAHNYQLLAHLSELHHFELPLLVGMSRKSMVGQLLNVPPQQRVI
GSVACAVIAAMQGAQIIRVHDVKETVEAMCIVEATRSAKG
;
_entity_poly.pdbx_strand_id   A,B
#
# COMPACT_ATOMS: atom_id res chain seq x y z
N MET A 4 -4.42 -22.53 -8.40
CA MET A 4 -3.89 -23.77 -7.78
C MET A 4 -2.60 -23.55 -6.97
N HIS A 5 -1.65 -24.49 -7.04
CA HIS A 5 -0.51 -24.52 -6.11
C HIS A 5 0.85 -24.84 -6.75
N LEU A 6 1.90 -24.20 -6.22
CA LEU A 6 3.28 -24.61 -6.54
C LEU A 6 3.68 -25.70 -5.54
N THR A 7 4.51 -26.63 -5.99
CA THR A 7 4.90 -27.77 -5.16
C THR A 7 6.40 -28.01 -5.17
N ALA A 8 6.89 -28.49 -4.04
CA ALA A 8 8.27 -28.96 -3.89
C ALA A 8 8.32 -29.87 -2.68
N ARG A 9 8.67 -31.13 -2.93
CA ARG A 9 8.93 -32.12 -1.87
C ARG A 9 7.77 -32.31 -0.89
N GLY A 10 6.55 -32.31 -1.39
CA GLY A 10 5.38 -32.53 -0.55
C GLY A 10 4.81 -31.26 0.07
N LEU A 11 5.51 -30.14 -0.15
CA LEU A 11 4.98 -28.85 0.27
C LEU A 11 4.11 -28.27 -0.84
N THR A 12 3.11 -27.47 -0.45
CA THR A 12 2.31 -26.75 -1.43
C THR A 12 2.25 -25.28 -1.07
N LEU A 13 2.06 -24.44 -2.08
CA LEU A 13 1.94 -23.01 -1.89
C LEU A 13 0.73 -22.50 -2.67
N ASP A 14 -0.18 -21.85 -1.96
CA ASP A 14 -1.44 -21.36 -2.57
C ASP A 14 -1.21 -20.10 -3.42
N LEU A 15 -1.34 -20.24 -4.74
CA LEU A 15 -1.07 -19.16 -5.67
C LEU A 15 -2.28 -18.26 -5.96
N SER A 16 -3.40 -18.54 -5.30
CA SER A 16 -4.63 -17.76 -5.46
C SER A 16 -4.69 -16.64 -4.42
N ARG A 17 -3.66 -16.57 -3.58
CA ARG A 17 -3.49 -15.54 -2.56
C ARG A 17 -2.04 -15.06 -2.58
N PRO A 18 -1.80 -13.77 -2.31
CA PRO A 18 -0.41 -13.28 -2.27
C PRO A 18 0.38 -13.96 -1.15
N GLN A 19 1.56 -14.48 -1.46
CA GLN A 19 2.43 -15.08 -0.46
C GLN A 19 3.63 -14.18 -0.16
N VAL A 20 3.98 -14.09 1.11
CA VAL A 20 5.09 -13.24 1.51
C VAL A 20 6.35 -14.06 1.74
N MET A 21 7.40 -13.69 1.01
CA MET A 21 8.71 -14.30 1.17
C MET A 21 9.57 -13.41 2.06
N GLY A 22 10.00 -13.95 3.20
CA GLY A 22 10.81 -13.20 4.15
C GLY A 22 12.29 -13.29 3.82
N ILE A 23 12.95 -12.14 3.78
CA ILE A 23 14.37 -12.07 3.43
C ILE A 23 15.23 -12.37 4.65
N LEU A 24 16.08 -13.38 4.52
CA LEU A 24 17.08 -13.69 5.52
C LEU A 24 18.47 -13.59 4.89
N ASN A 25 19.08 -12.41 5.02
CA ASN A 25 20.43 -12.18 4.55
C ASN A 25 21.43 -12.74 5.56
N VAL A 26 22.34 -13.58 5.08
CA VAL A 26 23.42 -14.11 5.91
C VAL A 26 24.78 -13.63 5.37
N THR A 27 24.92 -12.31 5.27
CA THR A 27 26.12 -11.66 4.74
C THR A 27 26.54 -10.53 5.69
N PRO A 28 27.74 -9.97 5.50
CA PRO A 28 28.09 -8.77 6.26
C PRO A 28 27.66 -7.46 5.57
N ASP A 29 27.37 -7.52 4.28
CA ASP A 29 27.29 -6.30 3.47
C ASP A 29 26.03 -6.14 2.60
N SER A 30 24.98 -6.90 2.89
CA SER A 30 23.67 -6.68 2.26
C SER A 30 23.25 -5.22 2.43
N PHE A 31 22.60 -4.66 1.41
CA PHE A 31 22.42 -3.20 1.32
C PHE A 31 21.56 -2.57 2.43
N SER A 32 20.62 -3.34 3.00
CA SER A 32 19.71 -2.83 4.02
CA SER A 32 19.72 -2.83 4.02
C SER A 32 19.95 -3.43 5.40
N ASP A 33 20.42 -4.68 5.46
CA ASP A 33 20.57 -5.39 6.73
C ASP A 33 21.82 -6.26 6.88
N GLY A 34 22.95 -5.80 6.33
CA GLY A 34 24.21 -6.55 6.43
C GLY A 34 24.74 -6.60 7.87
N GLY A 35 25.17 -7.77 8.30
CA GLY A 35 25.68 -7.95 9.67
C GLY A 35 24.62 -8.07 10.74
N CYS A 36 23.35 -8.04 10.33
CA CYS A 36 22.23 -8.15 11.28
C CYS A 36 21.94 -9.60 11.66
N HIS A 37 22.02 -10.50 10.68
CA HIS A 37 21.67 -11.91 10.91
C HIS A 37 22.83 -12.86 10.53
N ASN A 38 24.04 -12.41 10.87
CA ASN A 38 25.26 -13.10 10.45
C ASN A 38 25.59 -14.43 11.12
N ASN A 39 25.25 -14.58 12.39
CA ASN A 39 25.49 -15.84 13.10
C ASN A 39 24.22 -16.72 13.16
N LEU A 40 24.40 -18.02 13.36
CA LEU A 40 23.33 -19.00 13.25
C LEU A 40 22.14 -18.74 14.19
N ASP A 41 22.43 -18.47 15.46
CA ASP A 41 21.40 -18.22 16.47
C ASP A 41 20.53 -17.01 16.11
N GLN A 42 21.15 -15.95 15.62
CA GLN A 42 20.43 -14.74 15.21
C GLN A 42 19.58 -14.98 13.96
N ALA A 43 20.15 -15.69 12.99
CA ALA A 43 19.44 -16.09 11.78
C ALA A 43 18.16 -16.84 12.13
N LEU A 44 18.27 -17.82 13.03
CA LEU A 44 17.13 -18.67 13.42
C LEU A 44 16.04 -17.88 14.14
N GLN A 45 16.44 -16.92 14.98
CA GLN A 45 15.47 -16.08 15.67
C GLN A 45 14.75 -15.19 14.66
N HIS A 46 15.50 -14.62 13.72
CA HIS A 46 14.89 -13.78 12.69
C HIS A 46 13.92 -14.57 11.80
N ALA A 47 14.29 -15.79 11.43
CA ALA A 47 13.41 -16.66 10.64
C ALA A 47 12.10 -16.93 11.38
N GLN A 48 12.22 -17.32 12.65
CA GLN A 48 11.05 -17.58 13.47
C GLN A 48 10.17 -16.34 13.61
N ARG A 49 10.79 -15.18 13.82
CA ARG A 49 10.06 -13.91 13.82
C ARG A 49 9.26 -13.69 12.51
N MET A 50 9.91 -13.93 11.38
CA MET A 50 9.26 -13.79 10.07
C MET A 50 8.13 -14.82 9.87
N LEU A 51 8.38 -16.06 10.25
CA LEU A 51 7.33 -17.10 10.26
C LEU A 51 6.12 -16.71 11.11
N SER A 52 6.39 -16.21 12.31
CA SER A 52 5.35 -15.75 13.22
C SER A 52 4.54 -14.61 12.61
N ALA A 53 5.23 -13.72 11.89
CA ALA A 53 4.61 -12.58 11.24
C ALA A 53 3.79 -12.97 9.99
N GLY A 54 3.91 -14.22 9.55
CA GLY A 54 3.05 -14.72 8.45
C GLY A 54 3.73 -15.04 7.13
N ALA A 55 5.06 -15.03 7.08
CA ALA A 55 5.78 -15.41 5.87
C ALA A 55 5.57 -16.90 5.59
N THR A 56 5.40 -17.26 4.32
CA THR A 56 5.24 -18.65 3.94
C THR A 56 6.45 -19.18 3.17
N LEU A 57 7.41 -18.29 2.90
CA LEU A 57 8.73 -18.68 2.39
C LEU A 57 9.81 -17.86 3.10
N ILE A 58 10.96 -18.49 3.35
CA ILE A 58 12.14 -17.79 3.82
C ILE A 58 13.21 -17.87 2.73
N ASP A 59 13.71 -16.70 2.32
CA ASP A 59 14.75 -16.60 1.29
C ASP A 59 16.11 -16.38 1.94
N ILE A 60 16.98 -17.35 1.80
CA ILE A 60 18.28 -17.35 2.47
C ILE A 60 19.34 -16.96 1.43
N GLY A 61 20.02 -15.85 1.68
CA GLY A 61 21.02 -15.33 0.74
C GLY A 61 22.33 -14.94 1.41
N GLY A 62 23.41 -15.53 0.93
CA GLY A 62 24.77 -15.26 1.44
C GLY A 62 25.66 -14.48 0.47
N GLU A 63 25.08 -13.93 -0.58
CA GLU A 63 25.80 -13.05 -1.50
C GLU A 63 25.01 -11.77 -1.76
N SER A 64 25.57 -10.63 -1.38
CA SER A 64 24.95 -9.35 -1.73
C SER A 64 25.14 -9.07 -3.22
N THR A 65 24.05 -8.69 -3.89
CA THR A 65 24.11 -8.39 -5.32
C THR A 65 23.66 -6.96 -5.59
N ARG A 66 23.80 -6.10 -4.58
CA ARG A 66 23.51 -4.68 -4.73
C ARG A 66 24.48 -4.11 -5.78
N PRO A 67 24.16 -2.93 -6.34
CA PRO A 67 25.13 -2.31 -7.26
C PRO A 67 26.52 -2.13 -6.64
N GLY A 68 27.54 -2.67 -7.30
CA GLY A 68 28.93 -2.56 -6.86
C GLY A 68 29.36 -3.54 -5.78
N ALA A 69 28.65 -4.66 -5.67
CA ALA A 69 28.91 -5.65 -4.63
C ALA A 69 30.17 -6.47 -4.89
N ALA A 70 30.86 -6.84 -3.80
CA ALA A 70 32.06 -7.66 -3.87
C ALA A 70 31.75 -9.13 -4.20
N GLU A 71 32.73 -9.81 -4.80
CA GLU A 71 32.63 -11.25 -5.08
C GLU A 71 32.72 -12.04 -3.78
N VAL A 72 31.94 -13.11 -3.70
CA VAL A 72 31.97 -14.02 -2.56
C VAL A 72 32.49 -15.37 -3.07
N SER A 73 33.47 -15.93 -2.36
CA SER A 73 34.03 -17.24 -2.74
C SER A 73 32.99 -18.36 -2.55
N GLU A 74 33.18 -19.44 -3.30
CA GLU A 74 32.26 -20.57 -3.27
C GLU A 74 32.11 -21.14 -1.86
N GLN A 75 33.25 -21.40 -1.21
CA GLN A 75 33.27 -21.96 0.14
C GLN A 75 32.64 -21.01 1.18
N GLU A 76 32.94 -19.73 1.06
CA GLU A 76 32.38 -18.73 1.98
C GLU A 76 30.85 -18.70 1.89
N GLU A 77 30.32 -18.70 0.67
CA GLU A 77 28.87 -18.69 0.48
C GLU A 77 28.25 -19.97 1.06
N LEU A 78 28.89 -21.11 0.79
CA LEU A 78 28.48 -22.38 1.37
C LEU A 78 28.43 -22.32 2.90
N ASP A 79 29.48 -21.80 3.53
CA ASP A 79 29.55 -21.69 4.98
C ASP A 79 28.47 -20.78 5.56
N ARG A 80 28.09 -19.76 4.80
CA ARG A 80 27.06 -18.81 5.23
C ARG A 80 25.66 -19.42 5.12
N VAL A 81 25.41 -20.11 4.02
CA VAL A 81 24.06 -20.50 3.64
C VAL A 81 23.65 -21.89 4.11
N VAL A 82 24.50 -22.89 3.85
CA VAL A 82 24.10 -24.28 4.10
C VAL A 82 23.72 -24.64 5.56
N PRO A 83 24.50 -24.17 6.56
CA PRO A 83 24.09 -24.48 7.94
C PRO A 83 22.75 -23.85 8.32
N VAL A 84 22.43 -22.70 7.72
CA VAL A 84 21.15 -22.04 7.96
C VAL A 84 20.01 -22.86 7.34
N VAL A 85 20.16 -23.26 6.09
CA VAL A 85 19.18 -24.13 5.41
C VAL A 85 18.93 -25.40 6.23
N GLU A 86 20.00 -26.05 6.65
CA GLU A 86 19.94 -27.29 7.42
C GLU A 86 19.16 -27.10 8.73
N ALA A 87 19.48 -26.04 9.46
CA ALA A 87 18.88 -25.78 10.77
C ALA A 87 17.40 -25.43 10.67
N LEU A 88 17.06 -24.64 9.64
CA LEU A 88 15.67 -24.28 9.38
C LEU A 88 14.83 -25.46 8.89
N ALA A 89 15.42 -26.29 8.02
CA ALA A 89 14.75 -27.47 7.47
C ALA A 89 14.38 -28.48 8.55
N GLN A 90 15.22 -28.55 9.58
CA GLN A 90 15.01 -29.43 10.72
C GLN A 90 13.98 -28.92 11.73
N ARG A 91 13.75 -27.61 11.73
CA ARG A 91 12.86 -26.98 12.73
C ARG A 91 11.47 -26.61 12.23
N PHE A 92 11.36 -26.13 10.99
CA PHE A 92 10.10 -25.53 10.55
C PHE A 92 9.44 -26.11 9.31
N ASP A 93 8.11 -26.01 9.29
CA ASP A 93 7.29 -26.34 8.13
C ASP A 93 7.09 -25.08 7.28
N VAL A 94 8.01 -24.86 6.34
CA VAL A 94 8.02 -23.64 5.53
C VAL A 94 8.89 -23.83 4.30
N TRP A 95 8.52 -23.11 3.24
CA TRP A 95 9.33 -23.07 2.03
C TRP A 95 10.68 -22.40 2.32
N LEU A 96 11.75 -23.08 1.93
CA LEU A 96 13.10 -22.54 2.02
C LEU A 96 13.63 -22.22 0.62
N SER A 97 13.83 -20.93 0.38
CA SER A 97 14.38 -20.44 -0.88
C SER A 97 15.85 -20.08 -0.65
N VAL A 98 16.70 -20.36 -1.63
CA VAL A 98 18.11 -19.98 -1.55
C VAL A 98 18.47 -19.01 -2.66
N ASP A 99 18.84 -17.80 -2.26
CA ASP A 99 19.20 -16.73 -3.18
C ASP A 99 20.67 -16.89 -3.52
N THR A 100 20.94 -17.68 -4.55
CA THR A 100 22.31 -17.98 -4.96
C THR A 100 22.40 -18.17 -6.48
N SER A 101 23.61 -18.06 -7.01
CA SER A 101 23.86 -18.27 -8.43
C SER A 101 24.89 -19.39 -8.65
N LYS A 102 25.50 -19.87 -7.57
CA LYS A 102 26.57 -20.87 -7.63
C LYS A 102 26.08 -22.31 -7.66
N ALA A 103 26.60 -23.08 -8.61
CA ALA A 103 26.25 -24.48 -8.79
C ALA A 103 26.39 -25.27 -7.48
N ALA A 104 27.49 -25.06 -6.78
CA ALA A 104 27.78 -25.80 -5.54
C ALA A 104 26.80 -25.47 -4.43
N VAL A 105 26.42 -24.19 -4.32
CA VAL A 105 25.45 -23.76 -3.32
C VAL A 105 24.04 -24.29 -3.64
N ILE A 106 23.70 -24.32 -4.92
CA ILE A 106 22.45 -24.93 -5.38
C ILE A 106 22.35 -26.40 -4.96
N THR A 107 23.41 -27.17 -5.22
CA THR A 107 23.43 -28.60 -4.93
C THR A 107 23.44 -28.91 -3.43
N GLU A 108 24.33 -28.26 -2.69
CA GLU A 108 24.46 -28.52 -1.26
C GLU A 108 23.25 -28.03 -0.46
N SER A 109 22.63 -26.93 -0.91
CA SER A 109 21.41 -26.42 -0.29
C SER A 109 20.24 -27.37 -0.50
N ALA A 110 20.10 -27.86 -1.74
CA ALA A 110 19.13 -28.92 -2.05
C ALA A 110 19.33 -30.11 -1.13
N HIS A 111 20.58 -30.55 -0.99
CA HIS A 111 20.93 -31.66 -0.09
CA HIS A 111 20.96 -31.65 -0.09
C HIS A 111 20.53 -31.37 1.35
N ALA A 112 20.55 -30.09 1.73
CA ALA A 112 20.21 -29.65 3.10
C ALA A 112 18.72 -29.40 3.33
N GLY A 113 17.92 -29.56 2.29
CA GLY A 113 16.46 -29.52 2.44
C GLY A 113 15.75 -28.30 1.87
N ALA A 114 16.46 -27.50 1.09
CA ALA A 114 15.89 -26.34 0.41
C ALA A 114 14.80 -26.72 -0.58
N HIS A 115 13.89 -25.78 -0.88
CA HIS A 115 12.73 -26.04 -1.75
C HIS A 115 12.73 -25.27 -3.08
N LEU A 116 13.43 -24.14 -3.12
CA LEU A 116 13.39 -23.25 -4.27
C LEU A 116 14.76 -22.61 -4.52
N ILE A 117 15.13 -22.57 -5.79
CA ILE A 117 16.36 -21.89 -6.20
C ILE A 117 15.99 -20.50 -6.71
N ASN A 118 16.42 -19.48 -5.96
CA ASN A 118 16.19 -18.10 -6.33
C ASN A 118 17.48 -17.55 -6.94
N ASP A 119 17.57 -17.54 -8.27
CA ASP A 119 18.79 -17.13 -8.92
C ASP A 119 18.61 -15.85 -9.73
N ILE A 120 19.11 -14.75 -9.18
CA ILE A 120 19.08 -13.46 -9.86
C ILE A 120 19.85 -13.48 -11.20
N ARG A 121 20.67 -14.51 -11.40
CA ARG A 121 21.43 -14.66 -12.65
C ARG A 121 20.86 -15.73 -13.59
N SER A 122 19.67 -16.23 -13.27
CA SER A 122 18.93 -17.16 -14.14
C SER A 122 19.77 -18.34 -14.63
N LEU A 123 20.51 -18.96 -13.71
CA LEU A 123 21.27 -20.18 -13.96
C LEU A 123 22.32 -20.04 -15.06
N GLN A 124 22.94 -18.86 -15.14
CA GLN A 124 23.91 -18.58 -16.18
C GLN A 124 25.36 -18.82 -15.75
N GLU A 125 25.60 -18.95 -14.45
CA GLU A 125 26.94 -19.28 -13.96
C GLU A 125 27.31 -20.71 -14.36
N PRO A 126 28.62 -20.97 -14.56
CA PRO A 126 29.13 -22.30 -14.91
C PRO A 126 28.58 -23.41 -14.02
N GLY A 127 27.88 -24.37 -14.63
CA GLY A 127 27.36 -25.55 -13.94
C GLY A 127 26.03 -25.36 -13.23
N ALA A 128 25.56 -24.12 -13.14
CA ALA A 128 24.35 -23.79 -12.36
C ALA A 128 23.09 -24.40 -12.96
N LEU A 129 22.97 -24.33 -14.29
CA LEU A 129 21.81 -24.89 -14.98
C LEU A 129 21.71 -26.41 -14.78
N GLU A 130 22.85 -27.10 -14.92
CA GLU A 130 22.92 -28.54 -14.71
C GLU A 130 22.66 -28.89 -13.24
N ALA A 131 23.29 -28.18 -12.32
CA ALA A 131 23.07 -28.35 -10.90
C ALA A 131 21.60 -28.18 -10.51
N ALA A 132 20.96 -27.13 -11.00
CA ALA A 132 19.55 -26.87 -10.71
C ALA A 132 18.63 -27.95 -11.25
N ALA A 133 18.87 -28.36 -12.51
CA ALA A 133 18.09 -29.41 -13.16
C ALA A 133 18.12 -30.72 -12.37
N LYS A 134 19.28 -31.07 -11.84
CA LYS A 134 19.45 -32.31 -11.06
C LYS A 134 18.70 -32.32 -9.73
N THR A 135 18.45 -31.14 -9.17
CA THR A 135 17.76 -31.03 -7.88
C THR A 135 16.26 -31.32 -8.02
N GLY A 136 15.73 -31.12 -9.23
CA GLY A 136 14.29 -31.25 -9.49
C GLY A 136 13.42 -30.16 -8.87
N LEU A 137 14.04 -29.17 -8.24
CA LEU A 137 13.34 -28.10 -7.54
C LEU A 137 12.90 -26.95 -8.46
N PRO A 138 11.86 -26.21 -8.04
CA PRO A 138 11.44 -24.98 -8.72
C PRO A 138 12.57 -23.95 -8.76
N VAL A 139 12.55 -23.09 -9.78
CA VAL A 139 13.58 -22.08 -9.97
C VAL A 139 12.93 -20.74 -10.33
N CYS A 140 13.37 -19.68 -9.66
CA CYS A 140 12.97 -18.33 -10.03
C CYS A 140 14.04 -17.74 -10.93
N LEU A 141 13.62 -17.33 -12.13
CA LEU A 141 14.47 -16.64 -13.08
C LEU A 141 14.20 -15.14 -12.97
N MET A 142 15.27 -14.35 -12.90
CA MET A 142 15.14 -12.90 -12.76
C MET A 142 15.77 -12.14 -13.94
N HIS A 143 15.04 -11.13 -14.43
CA HIS A 143 15.57 -10.22 -15.46
C HIS A 143 16.59 -9.25 -14.86
N MET A 144 17.68 -9.05 -15.59
CA MET A 144 18.73 -8.11 -15.22
C MET A 144 19.39 -7.60 -16.50
N GLN A 145 19.70 -6.30 -16.53
CA GLN A 145 20.57 -5.76 -17.58
C GLN A 145 21.95 -5.53 -16.96
N GLY A 146 22.96 -6.20 -17.53
CA GLY A 146 24.34 -6.10 -17.04
C GLY A 146 24.64 -7.10 -15.93
N GLN A 147 25.68 -6.83 -15.16
CA GLN A 147 25.97 -7.56 -13.92
C GLN A 147 25.91 -6.57 -12.75
N PRO A 148 25.80 -7.07 -11.50
CA PRO A 148 25.78 -6.20 -10.31
C PRO A 148 26.84 -5.09 -10.28
N LYS A 149 27.98 -5.31 -10.93
CA LYS A 149 29.06 -4.33 -10.97
C LYS A 149 28.80 -3.14 -11.90
N ASN A 150 27.98 -3.35 -12.94
CA ASN A 150 27.77 -2.33 -13.96
C ASN A 150 26.31 -2.09 -14.40
N MET A 151 25.36 -2.71 -13.72
CA MET A 151 23.96 -2.65 -14.15
C MET A 151 23.35 -1.25 -14.05
N GLN A 152 23.77 -0.48 -13.05
CA GLN A 152 23.27 0.87 -12.84
C GLN A 152 24.04 1.93 -13.62
N HIS A 153 25.07 1.50 -14.37
CA HIS A 153 25.74 2.39 -15.32
CA HIS A 153 25.75 2.38 -15.32
C HIS A 153 24.84 2.55 -16.54
N SER A 154 24.21 3.72 -16.63
CA SER A 154 23.18 4.05 -17.62
C SER A 154 22.31 2.92 -18.20
N PRO A 155 21.35 2.40 -17.40
CA PRO A 155 20.34 1.46 -17.90
C PRO A 155 19.59 2.06 -19.08
N TYR A 156 19.38 1.28 -20.14
CA TYR A 156 18.61 1.75 -21.31
C TYR A 156 17.80 0.64 -21.98
N TYR A 157 16.58 0.99 -22.39
CA TYR A 157 15.70 0.10 -23.15
C TYR A 157 14.95 0.89 -24.22
N ASP A 158 14.86 0.31 -25.42
CA ASP A 158 13.93 0.78 -26.44
C ASP A 158 12.50 0.59 -25.92
N ASP A 159 12.23 -0.60 -25.39
CA ASP A 159 10.97 -0.90 -24.74
C ASP A 159 11.22 -1.93 -23.64
N LEU A 160 11.05 -1.49 -22.40
CA LEU A 160 11.38 -2.31 -21.24
C LEU A 160 10.66 -3.66 -21.25
N MET A 161 9.34 -3.61 -21.39
CA MET A 161 8.51 -4.82 -21.29
C MET A 161 8.82 -5.83 -22.38
N THR A 162 9.07 -5.35 -23.61
CA THR A 162 9.49 -6.23 -24.69
C THR A 162 10.79 -6.95 -24.33
N ASP A 163 11.76 -6.21 -23.80
CA ASP A 163 13.04 -6.78 -23.40
C ASP A 163 12.91 -7.85 -22.29
N ILE A 164 12.07 -7.59 -21.30
CA ILE A 164 11.81 -8.54 -20.23
C ILE A 164 11.15 -9.82 -20.77
N ASN A 165 10.13 -9.64 -21.61
CA ASN A 165 9.48 -10.76 -22.28
C ASN A 165 10.44 -11.62 -23.09
N ARG A 166 11.29 -10.98 -23.90
CA ARG A 166 12.28 -11.71 -24.68
C ARG A 166 13.27 -12.46 -23.80
N PHE A 167 13.71 -11.81 -22.71
CA PHE A 167 14.64 -12.44 -21.77
C PHE A 167 14.01 -13.68 -21.13
N PHE A 168 12.77 -13.54 -20.67
CA PHE A 168 12.06 -14.64 -20.03
C PHE A 168 11.82 -15.79 -21.02
N GLN A 169 11.40 -15.45 -22.25
CA GLN A 169 11.18 -16.46 -23.28
C GLN A 169 12.45 -17.28 -23.54
N HIS A 170 13.57 -16.57 -23.72
CA HIS A 170 14.86 -17.20 -23.96
C HIS A 170 15.27 -18.13 -22.81
N HIS A 171 15.10 -17.69 -21.57
CA HIS A 171 15.60 -18.46 -20.43
C HIS A 171 14.68 -19.60 -19.98
N ILE A 172 13.39 -19.47 -20.21
CA ILE A 172 12.46 -20.59 -20.02
C ILE A 172 12.80 -21.74 -20.99
N GLU A 173 13.03 -21.40 -22.27
CA GLU A 173 13.39 -22.39 -23.29
C GLU A 173 14.65 -23.14 -22.88
N ARG A 174 15.60 -22.39 -22.34
CA ARG A 174 16.89 -22.88 -21.89
C ARG A 174 16.75 -23.84 -20.70
N CYS A 175 15.87 -23.49 -19.75
CA CYS A 175 15.59 -24.36 -18.62
C CYS A 175 14.90 -25.66 -19.06
N VAL A 176 13.89 -25.53 -19.92
CA VAL A 176 13.14 -26.68 -20.42
C VAL A 176 14.04 -27.67 -21.19
N ALA A 177 14.89 -27.15 -22.07
CA ALA A 177 15.83 -27.98 -22.84
C ALA A 177 16.84 -28.68 -21.93
N ALA A 178 17.09 -28.10 -20.76
CA ALA A 178 17.96 -28.68 -19.76
C ALA A 178 17.22 -29.71 -18.90
N GLY A 179 15.91 -29.80 -19.08
CA GLY A 179 15.11 -30.80 -18.38
C GLY A 179 14.35 -30.30 -17.16
N ILE A 180 14.31 -28.98 -16.96
CA ILE A 180 13.45 -28.38 -15.94
C ILE A 180 12.07 -28.09 -16.54
N ALA A 181 11.05 -28.79 -16.03
CA ALA A 181 9.68 -28.60 -16.51
C ALA A 181 9.24 -27.14 -16.37
N LYS A 182 8.51 -26.65 -17.38
CA LYS A 182 8.07 -25.26 -17.38
C LYS A 182 7.31 -24.90 -16.11
N ASN A 183 6.47 -25.82 -15.63
CA ASN A 183 5.65 -25.57 -14.44
C ASN A 183 6.45 -25.52 -13.12
N LYS A 184 7.76 -25.70 -13.21
CA LYS A 184 8.65 -25.52 -12.06
C LYS A 184 9.28 -24.12 -12.05
N LEU A 185 8.90 -23.28 -13.00
CA LEU A 185 9.55 -21.98 -13.15
C LEU A 185 8.75 -20.82 -12.56
N LEU A 186 9.48 -19.87 -11.97
CA LEU A 186 8.91 -18.59 -11.54
C LEU A 186 9.63 -17.45 -12.24
N LEU A 187 8.94 -16.36 -12.49
CA LEU A 187 9.52 -15.21 -13.17
C LEU A 187 9.54 -13.97 -12.30
N ASP A 188 10.70 -13.33 -12.25
CA ASP A 188 10.88 -12.09 -11.51
C ASP A 188 11.47 -11.03 -12.45
N PRO A 189 10.76 -9.91 -12.64
CA PRO A 189 11.28 -8.90 -13.58
C PRO A 189 12.49 -8.10 -13.07
N GLY A 190 12.88 -8.29 -11.82
CA GLY A 190 14.14 -7.74 -11.29
C GLY A 190 14.16 -6.23 -11.08
N PHE A 191 13.30 -5.75 -10.19
CA PHE A 191 13.32 -4.36 -9.78
C PHE A 191 14.71 -3.98 -9.27
N GLY A 192 15.23 -2.84 -9.75
CA GLY A 192 16.55 -2.35 -9.34
C GLY A 192 17.74 -2.94 -10.08
N PHE A 193 17.51 -3.95 -10.92
CA PHE A 193 18.64 -4.61 -11.59
C PHE A 193 18.77 -4.14 -13.06
N GLY A 194 19.57 -3.10 -13.26
CA GLY A 194 19.74 -2.51 -14.59
C GLY A 194 18.51 -1.74 -15.01
N LYS A 195 17.93 -1.01 -14.07
CA LYS A 195 16.71 -0.24 -14.32
C LYS A 195 16.80 1.06 -13.53
N ASN A 196 16.59 2.19 -14.22
CA ASN A 196 16.54 3.47 -13.52
C ASN A 196 15.18 3.67 -12.85
N LEU A 197 15.02 4.77 -12.13
CA LEU A 197 13.78 5.04 -11.41
C LEU A 197 12.53 4.95 -12.30
N ALA A 198 12.59 5.60 -13.47
CA ALA A 198 11.50 5.54 -14.47
C ALA A 198 11.21 4.10 -14.91
N HIS A 199 12.25 3.33 -15.24
CA HIS A 199 12.10 1.93 -15.61
C HIS A 199 11.39 1.14 -14.49
N ASN A 200 11.80 1.35 -13.25
CA ASN A 200 11.20 0.62 -12.12
C ASN A 200 9.70 0.87 -11.99
N TYR A 201 9.29 2.13 -12.10
CA TYR A 201 7.86 2.45 -12.01
C TYR A 201 7.06 2.10 -13.25
N GLN A 202 7.68 2.18 -14.43
CA GLN A 202 7.08 1.63 -15.66
C GLN A 202 6.73 0.17 -15.46
N LEU A 203 7.72 -0.60 -15.01
CA LEU A 203 7.58 -2.02 -14.78
C LEU A 203 6.48 -2.34 -13.76
N LEU A 204 6.46 -1.59 -12.66
CA LEU A 204 5.43 -1.79 -11.64
C LEU A 204 4.05 -1.49 -12.22
N ALA A 205 3.96 -0.41 -13.01
CA ALA A 205 2.71 0.00 -13.66
C ALA A 205 2.18 -1.05 -14.64
N HIS A 206 3.09 -1.77 -15.30
CA HIS A 206 2.73 -2.72 -16.36
C HIS A 206 2.90 -4.18 -15.95
N LEU A 207 3.11 -4.42 -14.66
CA LEU A 207 3.45 -5.75 -14.14
C LEU A 207 2.52 -6.87 -14.58
N SER A 208 1.21 -6.63 -14.57
CA SER A 208 0.20 -7.67 -14.92
C SER A 208 0.35 -8.25 -16.34
N GLU A 209 1.03 -7.52 -17.22
CA GLU A 209 1.31 -8.00 -18.58
C GLU A 209 2.20 -9.25 -18.57
N LEU A 210 2.92 -9.48 -17.49
CA LEU A 210 3.82 -10.64 -17.43
C LEU A 210 3.11 -11.97 -17.14
N HIS A 211 1.84 -11.90 -16.75
CA HIS A 211 1.02 -13.10 -16.52
C HIS A 211 0.79 -13.96 -17.77
N HIS A 212 1.14 -13.43 -18.95
CA HIS A 212 0.90 -14.15 -20.22
C HIS A 212 1.70 -15.45 -20.34
N PHE A 213 2.85 -15.53 -19.67
CA PHE A 213 3.64 -16.76 -19.61
C PHE A 213 2.92 -17.86 -18.81
N GLU A 214 1.85 -17.47 -18.10
CA GLU A 214 1.10 -18.36 -17.20
C GLU A 214 1.99 -19.00 -16.13
N LEU A 215 2.99 -18.24 -15.67
CA LEU A 215 3.86 -18.67 -14.58
C LEU A 215 3.72 -17.73 -13.39
N PRO A 216 3.97 -18.23 -12.17
CA PRO A 216 3.90 -17.36 -11.00
C PRO A 216 4.94 -16.23 -11.10
N LEU A 217 4.53 -15.04 -10.66
CA LEU A 217 5.42 -13.88 -10.58
C LEU A 217 5.92 -13.68 -9.15
N LEU A 218 7.23 -13.46 -9.02
CA LEU A 218 7.85 -13.10 -7.76
C LEU A 218 8.47 -11.71 -7.96
N VAL A 219 8.25 -10.82 -7.01
CA VAL A 219 8.75 -9.45 -7.13
C VAL A 219 9.50 -9.05 -5.87
N GLY A 220 10.55 -8.25 -6.02
CA GLY A 220 11.35 -7.80 -4.89
C GLY A 220 11.67 -6.32 -4.99
N MET A 221 10.91 -5.51 -4.27
CA MET A 221 11.05 -4.06 -4.30
C MET A 221 11.48 -3.54 -2.94
N SER A 222 11.47 -4.44 -1.96
CA SER A 222 11.56 -4.09 -0.56
C SER A 222 12.80 -3.26 -0.25
N ARG A 223 12.54 -2.06 0.30
CA ARG A 223 13.58 -1.11 0.74
C ARG A 223 14.57 -0.63 -0.32
N LYS A 224 14.27 -0.86 -1.60
CA LYS A 224 15.22 -0.56 -2.68
C LYS A 224 15.26 0.93 -3.00
N SER A 225 16.17 1.27 -3.90
CA SER A 225 16.39 2.66 -4.29
CA SER A 225 16.40 2.66 -4.31
C SER A 225 15.16 3.26 -4.99
N MET A 226 14.33 2.41 -5.60
CA MET A 226 13.11 2.91 -6.24
C MET A 226 12.15 3.55 -5.23
N VAL A 227 12.21 3.10 -3.97
CA VAL A 227 11.52 3.80 -2.87
C VAL A 227 12.41 4.91 -2.30
N GLY A 228 13.67 4.58 -2.01
CA GLY A 228 14.62 5.55 -1.46
C GLY A 228 14.70 6.87 -2.22
N GLN A 229 14.81 6.81 -3.54
CA GLN A 229 14.91 8.01 -4.38
C GLN A 229 13.69 8.92 -4.31
N LEU A 230 12.50 8.32 -4.12
CA LEU A 230 11.25 9.08 -4.00
C LEU A 230 11.04 9.71 -2.64
N LEU A 231 11.34 8.97 -1.57
CA LEU A 231 11.07 9.46 -0.23
C LEU A 231 12.27 10.15 0.41
N ASN A 232 13.45 9.93 -0.16
CA ASN A 232 14.70 10.44 0.39
C ASN A 232 14.85 10.11 1.88
N VAL A 233 14.87 8.81 2.16
CA VAL A 233 15.02 8.27 3.50
C VAL A 233 15.93 7.05 3.44
N PRO A 234 16.63 6.72 4.56
CA PRO A 234 17.47 5.52 4.59
C PRO A 234 16.65 4.21 4.47
N PRO A 235 17.34 3.09 4.19
CA PRO A 235 16.65 1.81 3.99
C PRO A 235 15.60 1.42 5.06
N GLN A 236 15.93 1.62 6.34
N GLN A 236 15.92 1.61 6.33
CA GLN A 236 15.05 1.23 7.44
CA GLN A 236 15.04 1.19 7.43
C GLN A 236 13.74 1.99 7.44
C GLN A 236 13.84 2.12 7.68
N GLN A 237 13.76 3.21 6.92
CA GLN A 237 12.60 4.09 6.92
C GLN A 237 11.77 3.93 5.64
N ARG A 238 12.05 2.86 4.89
CA ARG A 238 11.34 2.63 3.63
C ARG A 238 10.19 1.62 3.75
N VAL A 239 9.79 1.31 4.98
CA VAL A 239 8.77 0.27 5.18
C VAL A 239 7.45 0.62 4.48
N ILE A 240 6.95 1.82 4.69
CA ILE A 240 5.69 2.26 4.09
C ILE A 240 5.74 2.24 2.56
N GLY A 241 6.79 2.86 2.00
CA GLY A 241 6.96 2.90 0.55
C GLY A 241 7.00 1.50 -0.01
N SER A 242 7.73 0.62 0.66
CA SER A 242 7.86 -0.78 0.25
C SER A 242 6.52 -1.50 0.30
N VAL A 243 5.74 -1.24 1.34
CA VAL A 243 4.42 -1.84 1.48
C VAL A 243 3.49 -1.36 0.35
N ALA A 244 3.57 -0.07 0.02
CA ALA A 244 2.77 0.48 -1.06
C ALA A 244 3.07 -0.20 -2.39
N CYS A 245 4.36 -0.40 -2.68
CA CYS A 245 4.80 -1.17 -3.86
C CYS A 245 4.24 -2.60 -3.86
N ALA A 246 4.29 -3.27 -2.70
CA ALA A 246 3.79 -4.64 -2.55
C ALA A 246 2.30 -4.73 -2.84
N VAL A 247 1.54 -3.72 -2.39
CA VAL A 247 0.09 -3.63 -2.59
C VAL A 247 -0.25 -3.42 -4.07
N ILE A 248 0.49 -2.53 -4.74
CA ILE A 248 0.32 -2.29 -6.18
C ILE A 248 0.63 -3.56 -6.97
N ALA A 249 1.69 -4.26 -6.59
CA ALA A 249 2.09 -5.49 -7.27
C ALA A 249 1.07 -6.62 -7.06
N ALA A 250 0.63 -6.79 -5.81
CA ALA A 250 -0.35 -7.82 -5.49
C ALA A 250 -1.72 -7.56 -6.09
N MET A 251 -2.13 -6.30 -6.17
CA MET A 251 -3.40 -5.93 -6.84
C MET A 251 -3.40 -6.32 -8.32
N GLN A 252 -2.19 -6.45 -8.88
CA GLN A 252 -2.02 -6.91 -10.25
C GLN A 252 -1.75 -8.42 -10.32
N GLY A 253 -1.93 -9.11 -9.19
CA GLY A 253 -1.84 -10.56 -9.16
C GLY A 253 -0.47 -11.19 -9.00
N ALA A 254 0.55 -10.39 -8.66
CA ALA A 254 1.86 -10.94 -8.32
C ALA A 254 1.67 -11.91 -7.15
N GLN A 255 2.19 -13.12 -7.30
CA GLN A 255 1.87 -14.20 -6.36
C GLN A 255 2.79 -14.26 -5.14
N ILE A 256 4.07 -13.96 -5.33
CA ILE A 256 5.05 -13.96 -4.24
C ILE A 256 5.73 -12.60 -4.11
N ILE A 257 5.70 -12.05 -2.89
CA ILE A 257 6.33 -10.77 -2.60
C ILE A 257 7.51 -10.97 -1.64
N ARG A 258 8.71 -10.60 -2.11
CA ARG A 258 9.95 -10.74 -1.34
C ARG A 258 10.26 -9.47 -0.54
N VAL A 259 10.23 -9.57 0.79
CA VAL A 259 10.31 -8.39 1.66
C VAL A 259 11.18 -8.59 2.90
N HIS A 260 11.71 -7.47 3.42
CA HIS A 260 12.41 -7.45 4.71
C HIS A 260 11.42 -7.39 5.86
N ASP A 261 10.33 -6.65 5.64
CA ASP A 261 9.36 -6.32 6.69
C ASP A 261 8.09 -7.16 6.55
N VAL A 262 8.13 -8.36 7.12
CA VAL A 262 7.10 -9.38 6.88
C VAL A 262 5.75 -9.01 7.48
N LYS A 263 5.73 -8.68 8.78
CA LYS A 263 4.49 -8.33 9.48
C LYS A 263 3.65 -7.29 8.73
N GLU A 264 4.27 -6.18 8.37
CA GLU A 264 3.59 -5.11 7.65
C GLU A 264 3.05 -5.59 6.29
N THR A 265 3.89 -6.29 5.55
CA THR A 265 3.49 -6.79 4.22
C THR A 265 2.30 -7.76 4.32
N VAL A 266 2.35 -8.68 5.28
CA VAL A 266 1.25 -9.65 5.52
C VAL A 266 -0.04 -8.93 5.85
N GLU A 267 0.03 -7.92 6.73
CA GLU A 267 -1.16 -7.12 7.03
C GLU A 267 -1.71 -6.45 5.77
N ALA A 268 -0.81 -5.87 4.97
CA ALA A 268 -1.19 -5.28 3.69
C ALA A 268 -1.84 -6.30 2.76
N MET A 269 -1.26 -7.50 2.70
CA MET A 269 -1.78 -8.56 1.82
C MET A 269 -3.19 -9.04 2.20
N CYS A 270 -3.52 -8.98 3.48
N CYS A 270 -3.53 -8.96 3.48
CA CYS A 270 -4.87 -9.29 3.97
CA CYS A 270 -4.87 -9.32 3.97
C CYS A 270 -5.89 -8.35 3.34
C CYS A 270 -5.92 -8.35 3.42
N ILE A 271 -5.59 -7.05 3.40
CA ILE A 271 -6.45 -6.02 2.82
C ILE A 271 -6.60 -6.20 1.29
N VAL A 272 -5.49 -6.57 0.63
CA VAL A 272 -5.50 -6.87 -0.80
C VAL A 272 -6.40 -8.08 -1.13
N GLU A 273 -6.28 -9.16 -0.35
CA GLU A 273 -7.05 -10.37 -0.57
C GLU A 273 -8.56 -10.13 -0.37
N ALA A 274 -8.90 -9.32 0.62
CA ALA A 274 -10.29 -8.99 0.90
C ALA A 274 -10.89 -8.11 -0.19
N THR A 275 -10.04 -7.29 -0.82
CA THR A 275 -10.44 -6.45 -1.94
C THR A 275 -10.62 -7.28 -3.22
N ARG A 276 -9.67 -8.16 -3.49
CA ARG A 276 -9.71 -8.99 -4.70
C ARG A 276 -10.83 -10.03 -4.70
N SER A 277 -11.15 -10.56 -3.52
CA SER A 277 -12.20 -11.59 -3.40
CA SER A 277 -12.20 -11.58 -3.36
C SER A 277 -13.60 -10.99 -3.33
N ALA A 278 -13.69 -9.66 -3.39
CA ALA A 278 -14.97 -8.95 -3.33
C ALA A 278 -15.44 -8.52 -4.72
N MET B 4 -9.90 17.47 -11.17
CA MET B 4 -8.53 17.72 -11.73
C MET B 4 -7.96 19.03 -11.21
N HIS B 5 -8.85 19.96 -10.87
CA HIS B 5 -8.50 21.27 -10.34
CA HIS B 5 -8.50 21.27 -10.33
C HIS B 5 -9.62 21.78 -9.43
N LEU B 6 -9.25 22.28 -8.26
CA LEU B 6 -10.23 22.81 -7.30
C LEU B 6 -9.70 24.08 -6.62
N THR B 7 -10.47 25.15 -6.69
CA THR B 7 -10.08 26.44 -6.10
C THR B 7 -11.12 26.95 -5.12
N ALA B 8 -10.65 27.44 -3.96
CA ALA B 8 -11.49 28.08 -2.96
C ALA B 8 -10.67 29.13 -2.20
N ARG B 9 -11.23 30.34 -2.08
CA ARG B 9 -10.56 31.48 -1.44
C ARG B 9 -9.19 31.80 -2.06
N GLY B 10 -9.09 31.65 -3.37
CA GLY B 10 -7.85 31.92 -4.10
C GLY B 10 -6.76 30.87 -3.95
N LEU B 11 -7.08 29.81 -3.22
CA LEU B 11 -6.12 28.71 -3.00
C LEU B 11 -6.55 27.48 -3.79
N THR B 12 -5.68 27.03 -4.70
CA THR B 12 -6.00 25.91 -5.57
C THR B 12 -5.52 24.58 -5.00
N LEU B 13 -6.23 23.51 -5.35
CA LEU B 13 -5.92 22.16 -4.91
C LEU B 13 -5.78 21.29 -6.15
N ASP B 14 -4.57 20.79 -6.39
CA ASP B 14 -4.29 19.93 -7.52
C ASP B 14 -4.99 18.59 -7.29
N LEU B 15 -5.73 18.13 -8.29
CA LEU B 15 -6.45 16.86 -8.19
C LEU B 15 -6.06 15.88 -9.29
N SER B 16 -4.95 16.17 -9.96
CA SER B 16 -4.35 15.23 -10.89
C SER B 16 -3.38 14.33 -10.13
N ARG B 17 -3.19 14.63 -8.84
CA ARG B 17 -2.34 13.86 -7.94
C ARG B 17 -3.10 13.60 -6.64
N PRO B 18 -2.88 12.44 -6.00
CA PRO B 18 -3.64 12.17 -4.77
C PRO B 18 -3.31 13.13 -3.61
N GLN B 19 -4.34 13.64 -2.95
CA GLN B 19 -4.18 14.58 -1.85
C GLN B 19 -4.52 13.94 -0.50
N VAL B 20 -3.75 14.27 0.52
CA VAL B 20 -3.97 13.71 1.85
C VAL B 20 -4.63 14.74 2.76
N MET B 21 -5.82 14.39 3.25
CA MET B 21 -6.54 15.19 4.24
C MET B 21 -6.27 14.68 5.66
N GLY B 22 -5.68 15.52 6.50
CA GLY B 22 -5.39 15.14 7.89
C GLY B 22 -6.56 15.33 8.84
N ILE B 23 -6.81 14.33 9.68
CA ILE B 23 -7.93 14.36 10.63
C ILE B 23 -7.54 15.07 11.94
N LEU B 24 -8.28 16.12 12.27
CA LEU B 24 -8.14 16.78 13.56
C LEU B 24 -9.47 16.70 14.33
N ASN B 25 -9.61 15.65 15.14
CA ASN B 25 -10.76 15.49 16.03
C ASN B 25 -10.62 16.40 17.24
N VAL B 26 -11.67 17.16 17.55
CA VAL B 26 -11.70 18.02 18.74
C VAL B 26 -12.83 17.60 19.68
N THR B 27 -12.91 16.28 19.92
CA THR B 27 -13.99 15.65 20.68
C THR B 27 -13.41 14.79 21.79
N PRO B 28 -14.20 14.50 22.84
CA PRO B 28 -13.67 13.60 23.87
C PRO B 28 -13.85 12.10 23.54
N ASP B 29 -14.59 11.79 22.49
CA ASP B 29 -15.07 10.41 22.30
C ASP B 29 -14.86 9.77 20.91
N SER B 30 -14.08 10.41 20.04
CA SER B 30 -13.77 9.84 18.72
C SER B 30 -13.21 8.42 18.84
N PHE B 31 -13.56 7.56 17.88
CA PHE B 31 -13.33 6.10 18.00
C PHE B 31 -11.85 5.66 18.12
N SER B 32 -10.92 6.48 17.63
CA SER B 32 -9.50 6.12 17.69
C SER B 32 -8.64 7.09 18.50
N ASP B 33 -9.09 8.35 18.59
CA ASP B 33 -8.27 9.41 19.19
C ASP B 33 -9.05 10.45 20.03
N GLY B 34 -10.18 10.02 20.60
CA GLY B 34 -10.97 10.88 21.47
C GLY B 34 -10.19 11.28 22.70
N GLY B 35 -10.13 12.59 22.97
CA GLY B 35 -9.42 13.13 24.13
C GLY B 35 -7.98 13.53 23.90
N CYS B 36 -7.39 13.07 22.79
CA CYS B 36 -5.98 13.32 22.48
C CYS B 36 -5.68 14.78 22.18
N HIS B 37 -6.53 15.41 21.36
CA HIS B 37 -6.29 16.77 20.88
C HIS B 37 -7.47 17.68 21.24
N ASN B 38 -7.85 17.67 22.52
CA ASN B 38 -9.04 18.37 23.01
C ASN B 38 -8.87 19.84 23.37
N ASN B 39 -7.75 20.17 24.02
CA ASN B 39 -7.42 21.55 24.32
C ASN B 39 -6.95 22.29 23.07
N LEU B 40 -7.02 23.61 23.09
CA LEU B 40 -6.73 24.44 21.93
C LEU B 40 -5.31 24.27 21.39
N ASP B 41 -4.33 24.25 22.30
CA ASP B 41 -2.91 24.19 21.92
C ASP B 41 -2.51 22.89 21.24
N GLN B 42 -3.04 21.77 21.74
CA GLN B 42 -2.77 20.46 21.18
C GLN B 42 -3.40 20.25 19.80
N ALA B 43 -4.55 20.89 19.58
CA ALA B 43 -5.20 20.90 18.27
C ALA B 43 -4.30 21.60 17.26
N LEU B 44 -3.75 22.75 17.67
CA LEU B 44 -2.84 23.53 16.85
C LEU B 44 -1.51 22.81 16.62
N GLN B 45 -1.04 22.10 17.64
CA GLN B 45 0.19 21.32 17.52
C GLN B 45 -0.02 20.21 16.48
N HIS B 46 -1.03 19.39 16.70
CA HIS B 46 -1.35 18.26 15.81
C HIS B 46 -1.49 18.66 14.33
N ALA B 47 -2.03 19.87 14.08
CA ALA B 47 -2.22 20.36 12.71
C ALA B 47 -0.91 20.69 11.99
N GLN B 48 0.00 21.35 12.68
CA GLN B 48 1.33 21.68 12.13
C GLN B 48 2.13 20.41 11.81
N ARG B 49 2.04 19.41 12.69
CA ARG B 49 2.69 18.11 12.49
C ARG B 49 2.19 17.46 11.21
N MET B 50 0.87 17.45 11.04
CA MET B 50 0.23 16.93 9.82
C MET B 50 0.65 17.73 8.60
N LEU B 51 0.70 19.06 8.74
CA LEU B 51 1.18 19.94 7.68
C LEU B 51 2.62 19.65 7.27
N SER B 52 3.48 19.47 8.27
CA SER B 52 4.88 19.14 8.02
C SER B 52 5.02 17.76 7.40
N ALA B 53 4.11 16.85 7.74
CA ALA B 53 4.08 15.49 7.18
C ALA B 53 3.56 15.46 5.74
N GLY B 54 2.99 16.57 5.28
CA GLY B 54 2.57 16.70 3.87
C GLY B 54 1.08 16.76 3.58
N ALA B 55 0.27 16.94 4.63
CA ALA B 55 -1.18 17.11 4.44
C ALA B 55 -1.49 18.44 3.76
N THR B 56 -2.35 18.39 2.75
CA THR B 56 -2.74 19.58 2.01
C THR B 56 -4.18 20.01 2.35
N LEU B 57 -4.80 19.27 3.27
CA LEU B 57 -6.07 19.67 3.87
C LEU B 57 -6.06 19.22 5.33
N ILE B 58 -6.57 20.09 6.21
CA ILE B 58 -6.84 19.75 7.60
C ILE B 58 -8.35 19.67 7.82
N ASP B 59 -8.80 18.53 8.33
CA ASP B 59 -10.23 18.28 8.56
C ASP B 59 -10.55 18.35 10.06
N ILE B 60 -11.31 19.37 10.43
CA ILE B 60 -11.70 19.66 11.81
C ILE B 60 -13.11 19.13 12.08
N GLY B 61 -13.26 18.34 13.14
CA GLY B 61 -14.55 17.72 13.45
C GLY B 61 -14.87 17.71 14.93
N GLY B 62 -15.98 18.35 15.30
CA GLY B 62 -16.39 18.48 16.69
C GLY B 62 -17.47 17.50 17.13
N GLU B 63 -17.80 16.55 16.26
CA GLU B 63 -18.83 15.56 16.56
C GLU B 63 -18.42 14.17 16.07
N SER B 64 -18.20 13.26 17.02
CA SER B 64 -17.96 11.86 16.67
C SER B 64 -19.24 11.28 16.09
N THR B 65 -19.11 10.59 14.96
CA THR B 65 -20.26 10.01 14.27
C THR B 65 -20.12 8.49 14.16
N ARG B 66 -19.29 7.92 15.04
CA ARG B 66 -19.09 6.47 15.12
C ARG B 66 -20.39 5.77 15.50
N PRO B 67 -20.55 4.48 15.13
CA PRO B 67 -21.74 3.72 15.53
C PRO B 67 -21.97 3.82 17.03
N GLY B 68 -23.15 4.31 17.42
CA GLY B 68 -23.45 4.58 18.82
C GLY B 68 -22.82 5.87 19.28
N GLU B 71 -25.80 12.45 21.05
CA GLU B 71 -25.37 13.48 20.11
C GLU B 71 -24.66 14.63 20.80
N VAL B 72 -24.39 15.71 20.06
CA VAL B 72 -23.68 16.86 20.58
C VAL B 72 -24.50 18.12 20.40
N SER B 73 -24.52 18.97 21.43
CA SER B 73 -25.27 20.24 21.41
C SER B 73 -24.61 21.23 20.46
N GLU B 74 -25.42 22.16 19.94
CA GLU B 74 -24.96 23.16 18.98
C GLU B 74 -23.95 24.13 19.59
N GLN B 75 -24.15 24.48 20.86
CA GLN B 75 -23.24 25.35 21.59
C GLN B 75 -21.94 24.62 21.93
N GLU B 76 -22.07 23.34 22.27
CA GLU B 76 -20.91 22.48 22.54
C GLU B 76 -20.06 22.23 21.30
N GLU B 77 -20.72 22.01 20.15
CA GLU B 77 -20.01 21.75 18.89
C GLU B 77 -19.34 23.01 18.33
N LEU B 78 -20.06 24.14 18.35
CA LEU B 78 -19.56 25.40 17.79
C LEU B 78 -18.31 25.92 18.52
N ASP B 79 -18.25 25.69 19.83
CA ASP B 79 -17.12 26.13 20.66
C ASP B 79 -15.86 25.28 20.46
N ARG B 80 -16.07 24.03 20.01
CA ARG B 80 -14.96 23.12 19.71
C ARG B 80 -14.24 23.50 18.42
N VAL B 81 -15.01 23.90 17.41
CA VAL B 81 -14.49 24.04 16.05
C VAL B 81 -14.04 25.44 15.67
N VAL B 82 -14.92 26.43 15.87
CA VAL B 82 -14.69 27.81 15.41
C VAL B 82 -13.36 28.45 15.87
N PRO B 83 -13.02 28.34 17.17
CA PRO B 83 -11.72 28.87 17.62
C PRO B 83 -10.50 28.15 17.00
N VAL B 84 -10.65 26.86 16.72
CA VAL B 84 -9.60 26.09 16.05
C VAL B 84 -9.47 26.47 14.57
N VAL B 85 -10.61 26.66 13.91
CA VAL B 85 -10.65 27.09 12.50
C VAL B 85 -9.98 28.46 12.35
N GLU B 86 -10.30 29.36 13.27
CA GLU B 86 -9.80 30.74 13.23
C GLU B 86 -8.27 30.83 13.29
N ALA B 87 -7.69 30.15 14.27
CA ALA B 87 -6.24 30.16 14.49
C ALA B 87 -5.45 29.55 13.33
N LEU B 88 -5.94 28.43 12.81
CA LEU B 88 -5.29 27.72 11.70
C LEU B 88 -5.35 28.53 10.41
N ALA B 89 -6.48 29.19 10.16
CA ALA B 89 -6.63 30.07 9.01
C ALA B 89 -5.67 31.28 9.10
N GLN B 90 -5.45 31.76 10.32
CA GLN B 90 -4.57 32.90 10.56
C GLN B 90 -3.10 32.48 10.78
N ARG B 91 -2.83 31.18 10.68
CA ARG B 91 -1.47 30.66 10.87
C ARG B 91 -0.91 29.98 9.61
N PHE B 92 -1.73 29.20 8.93
CA PHE B 92 -1.26 28.33 7.85
C PHE B 92 -1.96 28.55 6.51
N ASP B 93 -1.20 28.37 5.43
CA ASP B 93 -1.71 28.47 4.07
C ASP B 93 -2.18 27.11 3.57
N VAL B 94 -3.29 26.64 4.11
CA VAL B 94 -3.77 25.29 3.81
C VAL B 94 -5.30 25.22 3.81
N TRP B 95 -5.84 24.40 2.92
CA TRP B 95 -7.26 24.10 2.90
C TRP B 95 -7.71 23.62 4.27
N LEU B 96 -8.62 24.37 4.89
CA LEU B 96 -9.27 23.94 6.11
C LEU B 96 -10.63 23.34 5.75
N SER B 97 -10.94 22.20 6.35
CA SER B 97 -12.20 21.50 6.12
C SER B 97 -12.90 21.31 7.46
N VAL B 98 -14.22 21.48 7.46
CA VAL B 98 -15.00 21.28 8.68
C VAL B 98 -15.95 20.09 8.55
N ASP B 99 -15.75 19.13 9.45
CA ASP B 99 -16.55 17.91 9.50
C ASP B 99 -17.74 18.15 10.40
N THR B 100 -18.79 18.74 9.83
CA THR B 100 -19.97 19.14 10.59
C THR B 100 -21.25 19.02 9.77
N SER B 101 -22.38 18.99 10.47
CA SER B 101 -23.70 18.88 9.85
C SER B 101 -24.60 20.06 10.19
N LYS B 102 -24.30 20.74 11.28
CA LYS B 102 -25.16 21.80 11.81
C LYS B 102 -24.95 23.13 11.07
N ALA B 103 -26.08 23.77 10.74
CA ALA B 103 -26.12 25.04 10.04
C ALA B 103 -25.28 26.14 10.69
N ALA B 104 -25.37 26.27 12.01
CA ALA B 104 -24.62 27.27 12.77
C ALA B 104 -23.12 27.02 12.67
N VAL B 105 -22.72 25.75 12.72
CA VAL B 105 -21.33 25.36 12.62
C VAL B 105 -20.79 25.71 11.24
N ILE B 106 -21.54 25.34 10.20
CA ILE B 106 -21.19 25.67 8.81
C ILE B 106 -20.97 27.18 8.61
N THR B 107 -21.95 27.98 9.05
CA THR B 107 -21.92 29.43 8.87
C THR B 107 -20.73 30.08 9.57
N GLU B 108 -20.61 29.82 10.88
CA GLU B 108 -19.54 30.40 11.69
C GLU B 108 -18.14 29.88 11.35
N SER B 109 -18.05 28.64 10.85
CA SER B 109 -16.76 28.06 10.46
C SER B 109 -16.20 28.74 9.20
N ALA B 110 -17.08 28.97 8.22
CA ALA B 110 -16.73 29.67 6.99
C ALA B 110 -16.25 31.11 7.26
N HIS B 111 -16.96 31.80 8.16
CA HIS B 111 -16.57 33.13 8.61
C HIS B 111 -15.16 33.14 9.21
N ALA B 112 -14.84 32.09 9.96
CA ALA B 112 -13.51 31.94 10.58
C ALA B 112 -12.41 31.64 9.56
N GLY B 113 -12.81 31.24 8.36
CA GLY B 113 -11.86 31.09 7.24
C GLY B 113 -11.76 29.71 6.62
N ALA B 114 -12.73 28.85 6.89
CA ALA B 114 -12.76 27.48 6.34
C ALA B 114 -12.89 27.48 4.82
N HIS B 115 -12.45 26.38 4.20
CA HIS B 115 -12.39 26.26 2.73
C HIS B 115 -13.38 25.24 2.17
N LEU B 116 -13.73 24.24 2.99
CA LEU B 116 -14.54 23.11 2.52
C LEU B 116 -15.51 22.64 3.59
N ILE B 117 -16.73 22.32 3.17
CA ILE B 117 -17.73 21.73 4.08
C ILE B 117 -17.76 20.22 3.89
N ASN B 118 -17.31 19.51 4.91
CA ASN B 118 -17.33 18.06 4.93
C ASN B 118 -18.51 17.59 5.78
N ASP B 119 -19.60 17.21 5.11
CA ASP B 119 -20.81 16.81 5.82
C ASP B 119 -21.18 15.35 5.57
N ILE B 120 -21.06 14.55 6.62
CA ILE B 120 -21.39 13.12 6.58
C ILE B 120 -22.91 12.88 6.40
N ARG B 121 -23.71 13.92 6.65
CA ARG B 121 -25.16 13.83 6.49
C ARG B 121 -25.64 14.47 5.18
N SER B 122 -24.69 14.89 4.34
CA SER B 122 -24.99 15.48 3.03
C SER B 122 -26.00 16.64 3.10
N LEU B 123 -25.78 17.56 4.04
CA LEU B 123 -26.56 18.79 4.19
C LEU B 123 -28.06 18.60 4.54
N GLN B 124 -28.40 17.44 5.11
CA GLN B 124 -29.81 17.09 5.33
C GLN B 124 -30.43 17.66 6.62
N GLU B 125 -29.60 18.09 7.56
CA GLU B 125 -30.10 18.71 8.80
C GLU B 125 -30.82 20.04 8.51
N PRO B 126 -31.75 20.45 9.40
CA PRO B 126 -32.47 21.72 9.23
C PRO B 126 -31.53 22.92 9.03
N GLY B 127 -31.72 23.62 7.91
CA GLY B 127 -30.95 24.83 7.60
C GLY B 127 -29.57 24.63 7.01
N ALA B 128 -29.07 23.39 7.04
CA ALA B 128 -27.70 23.08 6.60
C ALA B 128 -27.45 23.38 5.11
N LEU B 129 -28.38 22.97 4.25
CA LEU B 129 -28.26 23.16 2.81
C LEU B 129 -28.20 24.65 2.46
N GLU B 130 -29.09 25.42 3.08
CA GLU B 130 -29.16 26.86 2.91
C GLU B 130 -27.90 27.56 3.43
N ALA B 131 -27.50 27.21 4.65
CA ALA B 131 -26.31 27.81 5.28
C ALA B 131 -25.05 27.57 4.45
N ALA B 132 -24.96 26.40 3.84
CA ALA B 132 -23.82 26.02 3.00
C ALA B 132 -23.81 26.77 1.67
N ALA B 133 -25.01 27.08 1.17
CA ALA B 133 -25.16 27.82 -0.08
C ALA B 133 -24.67 29.26 0.07
N LYS B 134 -24.99 29.88 1.22
CA LYS B 134 -24.63 31.27 1.50
C LYS B 134 -23.12 31.48 1.58
N THR B 135 -22.37 30.40 1.82
CA THR B 135 -20.91 30.46 1.90
C THR B 135 -20.26 30.42 0.51
N GLY B 136 -20.82 29.63 -0.39
CA GLY B 136 -20.27 29.47 -1.75
C GLY B 136 -19.10 28.49 -1.80
N LEU B 137 -18.83 27.85 -0.67
CA LEU B 137 -17.70 26.92 -0.54
C LEU B 137 -18.00 25.55 -1.15
N PRO B 138 -16.95 24.82 -1.57
CA PRO B 138 -17.08 23.42 -1.94
C PRO B 138 -17.72 22.59 -0.83
N VAL B 139 -18.49 21.58 -1.20
CA VAL B 139 -19.13 20.69 -0.24
C VAL B 139 -18.80 19.25 -0.60
N CYS B 140 -18.46 18.46 0.43
CA CYS B 140 -18.35 17.02 0.29
C CYS B 140 -19.64 16.36 0.75
N LEU B 141 -20.23 15.57 -0.14
CA LEU B 141 -21.46 14.84 0.17
C LEU B 141 -21.14 13.38 0.44
N MET B 142 -21.54 12.87 1.59
CA MET B 142 -21.21 11.51 1.96
C MET B 142 -22.41 10.57 1.98
N HIS B 143 -22.25 9.39 1.39
CA HIS B 143 -23.26 8.34 1.44
C HIS B 143 -23.27 7.66 2.80
N MET B 144 -24.48 7.42 3.30
CA MET B 144 -24.70 6.72 4.57
C MET B 144 -26.07 6.06 4.55
N GLN B 145 -26.13 4.79 4.98
CA GLN B 145 -27.41 4.12 5.16
C GLN B 145 -27.79 4.16 6.62
N GLY B 146 -28.89 4.86 6.91
CA GLY B 146 -29.39 5.01 8.27
C GLY B 146 -28.82 6.23 8.97
N GLN B 147 -28.59 6.09 10.27
CA GLN B 147 -28.00 7.14 11.10
C GLN B 147 -26.99 6.48 12.03
N PRO B 148 -25.99 7.25 12.51
CA PRO B 148 -24.96 6.69 13.40
C PRO B 148 -25.52 5.87 14.58
N LYS B 149 -26.77 6.12 14.95
CA LYS B 149 -27.42 5.39 16.04
C LYS B 149 -27.79 3.95 15.69
N ASN B 150 -28.05 3.68 14.41
CA ASN B 150 -28.51 2.35 13.97
C ASN B 150 -28.01 1.93 12.59
N MET B 151 -26.98 2.60 12.08
CA MET B 151 -26.46 2.30 10.74
C MET B 151 -25.84 0.90 10.64
N GLN B 152 -25.21 0.44 11.73
CA GLN B 152 -24.56 -0.87 11.75
C GLN B 152 -25.46 -2.00 12.23
N HIS B 153 -26.75 -1.73 12.41
CA HIS B 153 -27.73 -2.78 12.64
C HIS B 153 -28.16 -3.32 11.28
N SER B 154 -27.72 -4.54 10.99
CA SER B 154 -27.96 -5.22 9.70
C SER B 154 -27.98 -4.29 8.47
N PRO B 155 -26.80 -3.78 8.06
CA PRO B 155 -26.74 -3.11 6.77
C PRO B 155 -27.19 -4.07 5.66
N TYR B 156 -28.03 -3.59 4.76
CA TYR B 156 -28.50 -4.40 3.65
C TYR B 156 -28.62 -3.61 2.35
N TYR B 157 -28.18 -4.23 1.27
CA TYR B 157 -28.26 -3.65 -0.06
C TYR B 157 -28.57 -4.74 -1.09
N ASP B 158 -29.53 -4.46 -1.97
CA ASP B 158 -29.79 -5.32 -3.12
C ASP B 158 -28.58 -5.21 -4.05
N ASP B 159 -28.20 -3.98 -4.35
CA ASP B 159 -26.92 -3.67 -4.99
C ASP B 159 -26.35 -2.43 -4.33
N LEU B 160 -25.17 -2.58 -3.72
CA LEU B 160 -24.52 -1.49 -2.99
C LEU B 160 -24.22 -0.28 -3.88
N MET B 161 -23.54 -0.53 -5.00
CA MET B 161 -23.12 0.54 -5.92
C MET B 161 -24.29 1.31 -6.54
N THR B 162 -25.35 0.60 -6.91
CA THR B 162 -26.55 1.24 -7.46
C THR B 162 -27.14 2.24 -6.46
N ASP B 163 -27.24 1.82 -5.20
CA ASP B 163 -27.76 2.71 -4.15
C ASP B 163 -26.89 3.96 -3.98
N ILE B 164 -25.57 3.78 -3.91
CA ILE B 164 -24.64 4.90 -3.73
C ILE B 164 -24.81 5.91 -4.86
N ASN B 165 -24.84 5.41 -6.10
CA ASN B 165 -25.05 6.25 -7.27
C ASN B 165 -26.37 7.03 -7.20
N ARG B 166 -27.43 6.34 -6.81
CA ARG B 166 -28.75 6.94 -6.66
C ARG B 166 -28.81 7.94 -5.52
N PHE B 167 -28.07 7.66 -4.45
CA PHE B 167 -27.95 8.59 -3.33
C PHE B 167 -27.28 9.89 -3.79
N PHE B 168 -26.14 9.74 -4.47
CA PHE B 168 -25.38 10.88 -4.98
C PHE B 168 -26.14 11.71 -6.03
N GLN B 169 -26.76 11.02 -6.99
CA GLN B 169 -27.58 11.69 -8.00
C GLN B 169 -28.62 12.59 -7.35
N HIS B 170 -29.29 12.09 -6.32
CA HIS B 170 -30.33 12.83 -5.61
C HIS B 170 -29.78 14.06 -4.88
N HIS B 171 -28.60 13.94 -4.27
CA HIS B 171 -28.05 15.03 -3.48
C HIS B 171 -27.29 16.07 -4.31
N ILE B 172 -26.77 15.66 -5.47
CA ILE B 172 -26.18 16.59 -6.45
C ILE B 172 -27.27 17.56 -6.94
N GLU B 173 -28.37 17.01 -7.45
CA GLU B 173 -29.54 17.78 -7.91
C GLU B 173 -30.09 18.71 -6.82
N ARG B 174 -30.19 18.17 -5.61
CA ARG B 174 -30.62 18.91 -4.43
C ARG B 174 -29.70 20.11 -4.13
N CYS B 175 -28.39 19.94 -4.34
CA CYS B 175 -27.43 21.01 -4.13
C CYS B 175 -27.47 22.06 -5.24
N VAL B 176 -27.52 21.58 -6.49
CA VAL B 176 -27.60 22.47 -7.65
C VAL B 176 -28.87 23.33 -7.59
N ALA B 177 -30.01 22.69 -7.31
CA ALA B 177 -31.30 23.39 -7.18
C ALA B 177 -31.25 24.49 -6.12
N ALA B 178 -30.39 24.32 -5.11
CA ALA B 178 -30.21 25.30 -4.05
C ALA B 178 -29.20 26.41 -4.42
N GLY B 179 -28.56 26.26 -5.57
CA GLY B 179 -27.61 27.28 -6.05
C GLY B 179 -26.16 26.85 -6.10
N ILE B 180 -25.81 25.78 -5.38
CA ILE B 180 -24.44 25.28 -5.34
C ILE B 180 -24.07 24.66 -6.70
N ALA B 181 -23.10 25.29 -7.37
CA ALA B 181 -22.61 24.81 -8.66
C ALA B 181 -22.06 23.38 -8.57
N LYS B 182 -22.32 22.57 -9.60
CA LYS B 182 -21.91 21.17 -9.64
C LYS B 182 -20.39 20.97 -9.47
N ASN B 183 -19.60 21.84 -10.10
CA ASN B 183 -18.14 21.73 -10.03
C ASN B 183 -17.54 22.08 -8.66
N LYS B 184 -18.41 22.42 -7.70
CA LYS B 184 -18.02 22.68 -6.32
C LYS B 184 -18.29 21.49 -5.39
N LEU B 185 -18.80 20.40 -5.96
CA LEU B 185 -19.16 19.24 -5.16
C LEU B 185 -18.10 18.12 -5.19
N LEU B 186 -17.99 17.42 -4.06
CA LEU B 186 -17.11 16.26 -3.90
C LEU B 186 -17.91 15.09 -3.35
N LEU B 187 -17.59 13.87 -3.79
CA LEU B 187 -18.33 12.68 -3.37
C LEU B 187 -17.51 11.72 -2.51
N ASP B 188 -18.12 11.24 -1.43
CA ASP B 188 -17.50 10.28 -0.52
C ASP B 188 -18.49 9.14 -0.27
N PRO B 189 -18.13 7.90 -0.68
CA PRO B 189 -19.08 6.80 -0.52
C PRO B 189 -19.26 6.30 0.93
N GLY B 190 -18.55 6.91 1.87
CA GLY B 190 -18.78 6.69 3.30
C GLY B 190 -18.50 5.29 3.80
N PHE B 191 -17.23 4.88 3.73
CA PHE B 191 -16.83 3.59 4.26
C PHE B 191 -17.19 3.48 5.74
N GLY B 192 -17.70 2.31 6.12
CA GLY B 192 -18.10 2.05 7.51
C GLY B 192 -19.41 2.69 7.96
N PHE B 193 -20.08 3.42 7.06
CA PHE B 193 -21.33 4.11 7.40
C PHE B 193 -22.55 3.35 6.85
N GLY B 194 -23.10 2.47 7.68
CA GLY B 194 -24.19 1.61 7.25
C GLY B 194 -23.75 0.59 6.22
N LYS B 195 -22.58 -0.02 6.47
CA LYS B 195 -21.99 -1.01 5.56
C LYS B 195 -21.27 -2.07 6.39
N ASN B 196 -21.52 -3.34 6.10
CA ASN B 196 -20.78 -4.43 6.75
C ASN B 196 -19.41 -4.69 6.11
N LEU B 197 -18.69 -5.68 6.60
CA LEU B 197 -17.35 -5.98 6.12
C LEU B 197 -17.31 -6.25 4.62
N ALA B 198 -18.22 -7.09 4.14
CA ALA B 198 -18.35 -7.38 2.70
C ALA B 198 -18.72 -6.14 1.88
N HIS B 199 -19.62 -5.31 2.38
CA HIS B 199 -20.01 -4.08 1.70
C HIS B 199 -18.82 -3.13 1.51
N ASN B 200 -18.07 -2.90 2.59
CA ASN B 200 -16.91 -2.01 2.54
C ASN B 200 -15.88 -2.43 1.48
N TYR B 201 -15.57 -3.72 1.43
CA TYR B 201 -14.60 -4.21 0.44
C TYR B 201 -15.14 -4.35 -0.99
N GLN B 202 -16.46 -4.50 -1.11
CA GLN B 202 -17.11 -4.42 -2.43
C GLN B 202 -16.94 -3.02 -2.96
N LEU B 203 -17.26 -2.05 -2.11
CA LEU B 203 -17.12 -0.64 -2.43
C LEU B 203 -15.69 -0.29 -2.83
N LEU B 204 -14.71 -0.72 -2.02
CA LEU B 204 -13.31 -0.50 -2.34
C LEU B 204 -12.93 -1.10 -3.70
N ALA B 205 -13.35 -2.34 -3.94
CA ALA B 205 -13.11 -3.02 -5.23
C ALA B 205 -13.75 -2.31 -6.43
N HIS B 206 -14.91 -1.69 -6.21
CA HIS B 206 -15.65 -1.06 -7.30
C HIS B 206 -15.57 0.47 -7.30
N LEU B 207 -14.69 1.01 -6.45
CA LEU B 207 -14.57 2.46 -6.26
C LEU B 207 -14.49 3.29 -7.55
N SER B 208 -13.73 2.81 -8.52
CA SER B 208 -13.46 3.56 -9.76
C SER B 208 -14.72 3.85 -10.59
N GLU B 209 -15.75 3.01 -10.40
CA GLU B 209 -17.04 3.19 -11.06
C GLU B 209 -17.67 4.53 -10.74
N LEU B 210 -17.30 5.13 -9.61
CA LEU B 210 -17.90 6.39 -9.14
C LEU B 210 -17.39 7.64 -9.89
N HIS B 211 -16.32 7.47 -10.66
CA HIS B 211 -15.77 8.57 -11.47
C HIS B 211 -16.75 9.08 -12.56
N HIS B 212 -17.81 8.33 -12.83
CA HIS B 212 -18.78 8.71 -13.87
C HIS B 212 -19.48 10.05 -13.60
N PHE B 213 -19.55 10.44 -12.33
CA PHE B 213 -20.13 11.73 -11.95
C PHE B 213 -19.20 12.90 -12.29
N GLU B 214 -17.97 12.56 -12.66
CA GLU B 214 -16.90 13.52 -12.99
C GLU B 214 -16.70 14.54 -11.89
N LEU B 215 -16.77 14.07 -10.65
CA LEU B 215 -16.53 14.87 -9.47
C LEU B 215 -15.42 14.22 -8.67
N PRO B 216 -14.67 15.03 -7.89
CA PRO B 216 -13.58 14.50 -7.08
C PRO B 216 -14.11 13.54 -6.01
N LEU B 217 -13.41 12.42 -5.84
CA LEU B 217 -13.75 11.47 -4.79
C LEU B 217 -12.88 11.69 -3.55
N LEU B 218 -13.55 11.71 -2.40
CA LEU B 218 -12.88 11.74 -1.11
C LEU B 218 -13.23 10.42 -0.44
N VAL B 219 -12.23 9.74 0.13
CA VAL B 219 -12.49 8.48 0.84
C VAL B 219 -11.89 8.50 2.24
N GLY B 220 -12.59 7.86 3.18
CA GLY B 220 -12.09 7.74 4.55
C GLY B 220 -12.19 6.34 5.11
N MET B 221 -11.07 5.63 5.14
CA MET B 221 -11.03 4.27 5.68
C MET B 221 -10.11 4.17 6.88
N SER B 222 -9.40 5.26 7.15
CA SER B 222 -8.38 5.32 8.19
C SER B 222 -8.80 4.72 9.53
N ARG B 223 -8.11 3.64 9.92
CA ARG B 223 -8.26 2.97 11.22
C ARG B 223 -9.63 2.34 11.48
N LYS B 224 -10.45 2.26 10.43
CA LYS B 224 -11.85 1.83 10.59
C LYS B 224 -11.97 0.33 10.82
N SER B 225 -13.15 -0.10 11.28
CA SER B 225 -13.43 -1.52 11.55
C SER B 225 -13.20 -2.41 10.32
N MET B 226 -13.35 -1.88 9.12
CA MET B 226 -13.07 -2.68 7.91
C MET B 226 -11.63 -3.19 7.89
N VAL B 227 -10.74 -2.46 8.55
CA VAL B 227 -9.36 -2.90 8.73
C VAL B 227 -9.25 -3.72 10.02
N GLY B 228 -9.83 -3.21 11.09
CA GLY B 228 -9.77 -3.86 12.41
C GLY B 228 -10.26 -5.29 12.43
N GLN B 229 -11.36 -5.56 11.73
CA GLN B 229 -11.94 -6.90 11.65
C GLN B 229 -11.05 -7.88 10.89
N LEU B 230 -10.24 -7.39 9.96
CA LEU B 230 -9.30 -8.25 9.24
C LEU B 230 -8.03 -8.53 10.03
N LEU B 231 -7.51 -7.50 10.68
CA LEU B 231 -6.20 -7.57 11.31
C LEU B 231 -6.21 -7.88 12.81
N ASN B 232 -7.38 -7.74 13.44
CA ASN B 232 -7.52 -7.98 14.88
C ASN B 232 -6.44 -7.25 15.68
N VAL B 233 -6.30 -5.96 15.37
CA VAL B 233 -5.43 -5.07 16.12
C VAL B 233 -6.24 -3.85 16.51
N PRO B 234 -5.87 -3.19 17.62
CA PRO B 234 -6.54 -1.97 18.07
C PRO B 234 -6.38 -0.80 17.07
N PRO B 235 -7.28 0.21 17.14
CA PRO B 235 -7.31 1.31 16.17
C PRO B 235 -5.96 1.92 15.79
N GLN B 236 -5.11 2.18 16.78
CA GLN B 236 -3.81 2.83 16.56
C GLN B 236 -2.77 1.92 15.91
N GLN B 237 -3.04 0.62 15.88
CA GLN B 237 -2.14 -0.33 15.22
C GLN B 237 -2.62 -0.66 13.79
N ARG B 238 -3.55 0.14 13.28
CA ARG B 238 -4.16 -0.13 11.98
C ARG B 238 -3.54 0.71 10.87
N VAL B 239 -2.35 1.24 11.11
CA VAL B 239 -1.75 2.17 10.15
C VAL B 239 -1.51 1.47 8.82
N ILE B 240 -0.90 0.30 8.86
CA ILE B 240 -0.54 -0.44 7.66
C ILE B 240 -1.76 -0.84 6.84
N GLY B 241 -2.80 -1.34 7.51
CA GLY B 241 -4.04 -1.71 6.84
C GLY B 241 -4.71 -0.51 6.21
N SER B 242 -4.69 0.61 6.93
CA SER B 242 -5.27 1.87 6.45
C SER B 242 -4.52 2.40 5.23
N VAL B 243 -3.18 2.31 5.25
CA VAL B 243 -2.34 2.72 4.11
C VAL B 243 -2.60 1.82 2.90
N ALA B 244 -2.71 0.51 3.12
CA ALA B 244 -3.06 -0.40 2.04
C ALA B 244 -4.40 -0.03 1.36
N CYS B 245 -5.40 0.31 2.17
CA CYS B 245 -6.70 0.78 1.64
C CYS B 245 -6.54 2.09 0.85
N ALA B 246 -5.71 2.99 1.38
CA ALA B 246 -5.45 4.26 0.70
C ALA B 246 -4.77 4.02 -0.65
N VAL B 247 -3.84 3.08 -0.69
CA VAL B 247 -3.14 2.78 -1.95
C VAL B 247 -4.11 2.23 -3.00
N ILE B 248 -4.93 1.26 -2.59
CA ILE B 248 -5.93 0.66 -3.48
C ILE B 248 -6.90 1.72 -4.01
N ALA B 249 -7.35 2.63 -3.14
CA ALA B 249 -8.25 3.70 -3.55
C ALA B 249 -7.59 4.67 -4.53
N ALA B 250 -6.37 5.11 -4.21
CA ALA B 250 -5.67 6.09 -5.05
C ALA B 250 -5.25 5.51 -6.41
N MET B 251 -4.95 4.21 -6.46
CA MET B 251 -4.64 3.55 -7.72
C MET B 251 -5.85 3.59 -8.66
N GLN B 252 -7.03 3.65 -8.07
CA GLN B 252 -8.29 3.72 -8.81
C GLN B 252 -8.70 5.16 -9.06
N GLY B 253 -7.82 6.10 -8.75
CA GLY B 253 -8.03 7.50 -9.09
C GLY B 253 -8.68 8.38 -8.02
N ALA B 254 -8.92 7.82 -6.83
CA ALA B 254 -9.47 8.61 -5.73
C ALA B 254 -8.53 9.75 -5.43
N GLN B 255 -9.07 10.97 -5.34
CA GLN B 255 -8.26 12.18 -5.31
C GLN B 255 -7.93 12.70 -3.91
N ILE B 256 -8.83 12.52 -2.96
CA ILE B 256 -8.58 12.96 -1.59
C ILE B 256 -8.71 11.80 -0.60
N ILE B 257 -7.70 11.63 0.25
CA ILE B 257 -7.69 10.55 1.23
C ILE B 257 -7.64 11.11 2.64
N ARG B 258 -8.68 10.79 3.41
CA ARG B 258 -8.86 11.31 4.75
C ARG B 258 -8.26 10.35 5.78
N VAL B 259 -7.21 10.79 6.47
CA VAL B 259 -6.42 9.88 7.29
C VAL B 259 -5.99 10.45 8.65
N HIS B 260 -5.76 9.57 9.61
CA HIS B 260 -5.15 9.95 10.88
C HIS B 260 -3.63 10.01 10.76
N ASP B 261 -3.05 9.12 9.95
CA ASP B 261 -1.60 8.97 9.86
C ASP B 261 -1.06 9.59 8.58
N VAL B 262 -0.77 10.89 8.63
CA VAL B 262 -0.47 11.67 7.43
C VAL B 262 0.87 11.28 6.79
N LYS B 263 1.96 11.32 7.57
CA LYS B 263 3.28 10.99 7.06
C LYS B 263 3.27 9.68 6.24
N GLU B 264 2.72 8.62 6.85
CA GLU B 264 2.64 7.30 6.22
C GLU B 264 1.85 7.32 4.91
N THR B 265 0.69 7.98 4.93
CA THR B 265 -0.18 8.05 3.74
C THR B 265 0.48 8.87 2.60
N VAL B 266 1.14 9.97 2.96
CA VAL B 266 1.84 10.81 1.97
C VAL B 266 2.94 10.02 1.24
N GLU B 267 3.76 9.30 2.01
CA GLU B 267 4.81 8.43 1.46
C GLU B 267 4.25 7.40 0.48
N ALA B 268 3.14 6.76 0.87
CA ALA B 268 2.43 5.80 0.01
C ALA B 268 1.87 6.45 -1.25
N MET B 269 1.32 7.65 -1.11
CA MET B 269 0.79 8.40 -2.27
C MET B 269 1.88 8.78 -3.27
N CYS B 270 3.09 9.04 -2.78
N CYS B 270 3.09 9.00 -2.77
CA CYS B 270 4.24 9.27 -3.65
CA CYS B 270 4.25 9.28 -3.62
C CYS B 270 4.46 8.07 -4.57
C CYS B 270 4.62 8.09 -4.52
N ILE B 271 4.49 6.88 -3.98
CA ILE B 271 4.67 5.63 -4.74
C ILE B 271 3.53 5.45 -5.76
N VAL B 272 2.30 5.75 -5.34
CA VAL B 272 1.12 5.68 -6.21
C VAL B 272 1.26 6.65 -7.40
N GLU B 273 1.61 7.89 -7.10
CA GLU B 273 1.77 8.91 -8.12
C GLU B 273 2.86 8.54 -9.14
N ALA B 274 4.01 8.07 -8.64
CA ALA B 274 5.08 7.58 -9.50
C ALA B 274 4.63 6.43 -10.41
N THR B 275 3.82 5.52 -9.87
CA THR B 275 3.27 4.41 -10.65
C THR B 275 2.28 4.90 -11.72
N ARG B 276 1.31 5.72 -11.31
CA ARG B 276 0.26 6.21 -12.22
C ARG B 276 0.83 7.02 -13.38
N SER B 277 1.78 7.90 -13.08
CA SER B 277 2.38 8.78 -14.09
C SER B 277 3.44 8.08 -14.94
N ALA B 278 3.79 6.84 -14.59
CA ALA B 278 4.66 6.01 -15.42
C ALA B 278 3.86 5.37 -16.57
N LYS B 279 2.54 5.55 -16.53
CA LYS B 279 1.59 5.01 -17.52
C LYS B 279 1.07 3.64 -17.12
#